data_4J5H
#
_entry.id   4J5H
#
_cell.length_a   54.825
_cell.length_b   55.444
_cell.length_c   80.396
_cell.angle_alpha   90.000
_cell.angle_beta   90.000
_cell.angle_gamma   90.000
#
_symmetry.space_group_name_H-M   'P 21 21 21'
#
loop_
_entity.id
_entity.type
_entity.pdbx_description
1 polymer 'N-acyl homoserine lactonase'
2 non-polymer 'ZINC ION'
3 non-polymer N-decanoyl-L-homoserine
4 non-polymer GLYCEROL
5 water water
#
_entity_poly.entity_id   1
_entity_poly.type   'polypeptide(L)'
_entity_poly.pdbx_seq_one_letter_code
;GRISMTVKKLYFIPAGRCMLDHSSVNSALTPGKLLNLPVWCYLLETEEGPILVDTGMPESAVNNEGLFNGTFVEGQILPK
MTEEDRIVNILKRVGYEPDDLLYIISSHLHWDHAGGNGAFTNTPIIVQRTEYEAALHREEYMKECILPHLNYKIIEGDYE
VVPGVQLLYTPGHSPGHQSLFIETEQSGSVLLTIDASYTKENFEDEVPFAGFDPELALSSIKRLKEVVKKEKPIIFFGHD
IEQEKSCRVFPEYI
;
_entity_poly.pdbx_strand_id   A
#
# COMPACT_ATOMS: atom_id res chain seq x y z
N MET A 5 -14.29 10.45 -17.12
N MET A 5 -16.17 10.26 -15.17
CA MET A 5 -14.81 10.40 -15.73
CA MET A 5 -14.79 10.30 -15.75
C MET A 5 -13.65 10.41 -14.72
N THR A 6 -13.86 11.11 -13.60
CA THR A 6 -12.83 11.26 -12.58
C THR A 6 -13.34 10.76 -11.24
N VAL A 7 -12.39 10.41 -10.37
CA VAL A 7 -12.69 10.15 -8.96
C VAL A 7 -13.11 11.43 -8.24
N LYS A 8 -14.18 11.37 -7.43
CA LYS A 8 -14.68 12.57 -6.76
C LYS A 8 -13.75 13.00 -5.64
N LYS A 9 -13.27 12.02 -4.86
CA LYS A 9 -12.38 12.32 -3.75
C LYS A 9 -11.38 11.22 -3.57
N LEU A 10 -10.13 11.59 -3.29
CA LEU A 10 -9.08 10.64 -2.93
C LEU A 10 -8.62 11.01 -1.55
N TYR A 11 -8.94 10.12 -0.58
CA TYR A 11 -8.54 10.33 0.81
C TYR A 11 -7.30 9.51 1.18
N PHE A 12 -6.38 10.16 1.88
CA PHE A 12 -5.24 9.51 2.52
C PHE A 12 -5.65 9.24 3.96
N ILE A 13 -5.69 7.98 4.35
CA ILE A 13 -6.16 7.59 5.69
C ILE A 13 -5.04 6.92 6.48
N PRO A 14 -4.55 7.61 7.52
CA PRO A 14 -3.58 6.95 8.40
C PRO A 14 -4.15 5.67 9.04
N ALA A 15 -3.37 4.60 9.02
CA ALA A 15 -3.81 3.29 9.47
C ALA A 15 -2.78 2.68 10.44
N GLY A 16 -2.27 3.50 11.33
CA GLY A 16 -1.22 3.06 12.23
C GLY A 16 0.15 3.35 11.66
N ARG A 17 1.16 2.83 12.34
CA ARG A 17 2.55 3.07 12.00
C ARG A 17 3.35 1.80 12.19
N CYS A 18 4.60 1.83 11.73
CA CYS A 18 5.49 0.73 12.00
CA CYS A 18 5.50 0.72 11.90
C CYS A 18 6.92 1.23 12.05
N MET A 19 7.68 0.66 12.99
CA MET A 19 9.09 0.94 13.10
C MET A 19 9.78 0.02 12.14
N LEU A 20 10.72 0.60 11.39
CA LEU A 20 11.50 -0.11 10.41
C LEU A 20 12.94 0.37 10.48
N ASP A 21 13.88 -0.56 10.47
CA ASP A 21 15.28 -0.13 10.41
C ASP A 21 15.54 0.74 9.18
N HIS A 22 16.36 1.77 9.37
CA HIS A 22 16.55 2.72 8.27
C HIS A 22 17.27 2.10 7.05
N SER A 23 17.93 0.95 7.24
CA SER A 23 18.59 0.26 6.14
C SER A 23 17.56 -0.32 5.16
N SER A 24 16.29 -0.44 5.58
CA SER A 24 15.24 -0.87 4.65
C SER A 24 14.73 0.26 3.75
N VAL A 25 15.01 1.53 4.09
CA VAL A 25 14.60 2.66 3.23
CA VAL A 25 14.60 2.69 3.32
C VAL A 25 15.77 3.17 2.43
N ASN A 26 17.00 2.83 2.84
CA ASN A 26 18.20 3.13 2.10
C ASN A 26 19.18 2.00 2.41
N SER A 27 19.31 1.07 1.47
CA SER A 27 20.15 -0.11 1.62
C SER A 27 21.61 0.19 1.95
N ALA A 28 22.07 1.42 1.67
CA ALA A 28 23.46 1.81 1.98
C ALA A 28 23.68 2.13 3.45
N LEU A 29 22.61 2.43 4.19
CA LEU A 29 22.77 2.87 5.57
C LEU A 29 23.14 1.73 6.51
N THR A 30 23.92 2.05 7.54
CA THR A 30 24.26 1.08 8.56
C THR A 30 23.01 0.78 9.41
N PRO A 31 22.65 -0.52 9.54
CA PRO A 31 21.53 -0.87 10.43
C PRO A 31 21.75 -0.45 11.88
N GLY A 32 20.69 -0.04 12.56
CA GLY A 32 20.74 0.30 13.98
C GLY A 32 19.98 1.55 14.38
N LYS A 33 19.33 2.24 13.43
CA LYS A 33 18.36 3.28 13.78
C LYS A 33 17.03 2.89 13.17
N LEU A 34 16.01 2.81 14.02
CA LEU A 34 14.68 2.62 13.56
C LEU A 34 14.01 3.93 13.20
N LEU A 35 13.09 3.84 12.24
CA LEU A 35 12.26 4.94 11.80
C LEU A 35 10.80 4.60 12.02
N ASN A 36 10.05 5.54 12.58
CA ASN A 36 8.61 5.37 12.82
C ASN A 36 7.83 5.84 11.59
N LEU A 37 7.47 4.89 10.72
CA LEU A 37 6.95 5.18 9.39
C LEU A 37 5.45 5.09 9.37
N PRO A 38 4.79 5.87 8.50
CA PRO A 38 3.33 5.79 8.39
C PRO A 38 2.93 4.55 7.60
N VAL A 39 1.80 3.96 7.99
CA VAL A 39 1.08 2.95 7.22
C VAL A 39 -0.17 3.65 6.72
N TRP A 40 -0.45 3.52 5.42
CA TRP A 40 -1.53 4.23 4.76
C TRP A 40 -2.54 3.23 4.18
N CYS A 41 -3.80 3.62 4.22
CA CYS A 41 -4.74 3.17 3.24
C CYS A 41 -5.32 4.39 2.53
N TYR A 42 -5.96 4.13 1.39
CA TYR A 42 -6.53 5.21 0.57
C TYR A 42 -7.97 4.88 0.26
N LEU A 43 -8.84 5.86 0.32
CA LEU A 43 -10.24 5.65 0.00
C LEU A 43 -10.59 6.54 -1.19
N LEU A 44 -11.15 5.91 -2.23
CA LEU A 44 -11.52 6.57 -3.46
C LEU A 44 -13.04 6.62 -3.50
N GLU A 45 -13.60 7.81 -3.51
CA GLU A 45 -15.04 7.97 -3.72
C GLU A 45 -15.27 8.18 -5.20
N THR A 46 -15.97 7.23 -5.82
CA THR A 46 -16.19 7.22 -7.28
C THR A 46 -17.68 7.18 -7.54
N GLU A 47 -18.06 7.50 -8.76
CA GLU A 47 -19.46 7.45 -9.15
C GLU A 47 -20.04 6.04 -8.97
N GLU A 48 -19.20 5.02 -9.13
CA GLU A 48 -19.62 3.63 -8.99
C GLU A 48 -19.64 3.14 -7.53
N GLY A 49 -19.05 3.92 -6.62
CA GLY A 49 -19.02 3.57 -5.21
C GLY A 49 -17.63 3.70 -4.62
N PRO A 50 -17.49 3.42 -3.32
CA PRO A 50 -16.22 3.63 -2.65
C PRO A 50 -15.30 2.44 -2.86
N ILE A 51 -14.02 2.74 -3.08
CA ILE A 51 -12.96 1.76 -3.30
C ILE A 51 -11.88 1.98 -2.26
N LEU A 52 -11.48 0.90 -1.61
CA LEU A 52 -10.44 0.95 -0.58
C LEU A 52 -9.15 0.36 -1.11
N VAL A 53 -8.06 1.13 -1.01
CA VAL A 53 -6.73 0.69 -1.43
C VAL A 53 -5.97 0.37 -0.14
N ASP A 54 -5.69 -0.93 -0.01
CA ASP A 54 -4.99 -1.53 1.12
C ASP A 54 -5.79 -1.49 2.41
N THR A 55 -5.42 -2.34 3.36
CA THR A 55 -6.26 -2.63 4.51
C THR A 55 -5.55 -2.63 5.84
N GLY A 56 -4.36 -2.06 5.88
CA GLY A 56 -3.63 -1.94 7.14
C GLY A 56 -3.07 -3.25 7.68
N MET A 57 -2.87 -3.27 8.99
CA MET A 57 -2.14 -4.31 9.69
C MET A 57 -3.09 -5.33 10.31
N PRO A 58 -2.58 -6.54 10.59
CA PRO A 58 -3.46 -7.57 11.13
C PRO A 58 -3.76 -7.37 12.62
N GLU A 59 -4.84 -8.00 13.11
CA GLU A 59 -5.22 -7.81 14.52
C GLU A 59 -4.12 -8.25 15.47
N SER A 60 -3.31 -9.21 15.04
CA SER A 60 -2.21 -9.70 15.86
C SER A 60 -1.16 -8.63 16.16
N ALA A 61 -1.15 -7.56 15.35
CA ALA A 61 -0.25 -6.43 15.58
C ALA A 61 -0.77 -5.43 16.63
N VAL A 62 -2.04 -5.53 17.04
CA VAL A 62 -2.61 -4.54 17.94
C VAL A 62 -1.93 -4.64 19.31
N ASN A 63 -1.33 -3.54 19.75
CA ASN A 63 -0.66 -3.48 21.05
C ASN A 63 0.36 -4.61 21.19
N ASN A 64 1.06 -4.87 20.10
CA ASN A 64 2.01 -5.96 20.02
C ASN A 64 3.24 -5.63 19.19
N GLU A 65 4.05 -4.74 19.74
CA GLU A 65 5.27 -4.31 19.08
C GLU A 65 6.19 -5.48 18.81
N GLY A 66 6.09 -6.53 19.64
CA GLY A 66 6.94 -7.70 19.49
C GLY A 66 6.41 -8.80 18.56
N LEU A 67 5.43 -8.48 17.72
CA LEU A 67 4.84 -9.45 16.79
C LEU A 67 5.89 -10.30 16.08
N PHE A 68 6.99 -9.69 15.63
CA PHE A 68 7.98 -10.39 14.81
C PHE A 68 9.14 -10.94 15.60
N ASN A 69 8.96 -10.99 16.91
CA ASN A 69 9.94 -11.66 17.75
C ASN A 69 9.97 -13.13 17.35
N GLY A 70 11.16 -13.72 17.23
CA GLY A 70 11.31 -15.11 16.84
C GLY A 70 11.36 -15.39 15.34
N THR A 71 11.31 -14.33 14.53
CA THR A 71 11.29 -14.43 13.07
C THR A 71 12.54 -13.80 12.50
N PHE A 72 12.71 -13.93 11.19
CA PHE A 72 13.90 -13.40 10.51
C PHE A 72 13.99 -11.87 10.50
N VAL A 73 12.91 -11.17 10.92
CA VAL A 73 12.93 -9.70 11.02
C VAL A 73 12.82 -9.17 12.47
N GLU A 74 13.02 -10.05 13.45
CA GLU A 74 13.02 -9.65 14.87
C GLU A 74 13.88 -8.40 15.07
N GLY A 75 13.31 -7.40 15.75
CA GLY A 75 14.03 -6.15 16.03
C GLY A 75 14.12 -5.18 14.86
N GLN A 76 13.73 -5.60 13.66
CA GLN A 76 13.86 -4.76 12.47
C GLN A 76 12.53 -4.13 12.07
N ILE A 77 11.43 -4.76 12.45
CA ILE A 77 10.06 -4.33 12.15
C ILE A 77 9.24 -4.45 13.42
N LEU A 78 8.64 -3.35 13.88
CA LEU A 78 7.79 -3.38 15.06
C LEU A 78 6.50 -2.64 14.75
N PRO A 79 5.36 -3.35 14.73
CA PRO A 79 4.10 -2.62 14.50
C PRO A 79 3.82 -1.62 15.60
N LYS A 80 3.25 -0.48 15.20
CA LYS A 80 2.78 0.54 16.14
C LYS A 80 1.31 0.74 15.85
N MET A 81 0.49 -0.10 16.45
CA MET A 81 -0.92 -0.21 16.09
C MET A 81 -1.76 -0.33 17.37
N THR A 82 -2.82 0.43 17.43
CA THR A 82 -3.80 0.33 18.51
C THR A 82 -5.09 -0.19 17.94
N GLU A 83 -6.05 -0.45 18.84
CA GLU A 83 -7.35 -0.96 18.42
C GLU A 83 -8.00 -0.08 17.37
N GLU A 84 -7.78 1.23 17.49
CA GLU A 84 -8.37 2.21 16.58
C GLU A 84 -7.92 2.03 15.13
N ASP A 85 -6.77 1.40 14.94
CA ASP A 85 -6.14 1.27 13.62
C ASP A 85 -6.57 0.01 12.86
N ARG A 86 -7.41 -0.81 13.47
CA ARG A 86 -7.99 -1.94 12.75
C ARG A 86 -8.86 -1.36 11.63
N ILE A 87 -8.74 -1.91 10.42
CA ILE A 87 -9.42 -1.33 9.28
C ILE A 87 -10.95 -1.22 9.43
N VAL A 88 -11.57 -2.17 10.12
CA VAL A 88 -13.02 -2.06 10.32
C VAL A 88 -13.36 -0.83 11.16
N ASN A 89 -12.53 -0.55 12.17
CA ASN A 89 -12.77 0.63 12.99
C ASN A 89 -12.49 1.93 12.24
N ILE A 90 -11.42 1.95 11.46
CA ILE A 90 -11.13 3.11 10.63
C ILE A 90 -12.32 3.38 9.72
N LEU A 91 -12.80 2.34 9.03
CA LEU A 91 -13.91 2.49 8.10
C LEU A 91 -15.17 2.96 8.83
N LYS A 92 -15.45 2.40 10.01
CA LYS A 92 -16.67 2.80 10.73
C LYS A 92 -16.60 4.30 11.12
N ARG A 93 -15.44 4.76 11.58
CA ARG A 93 -15.30 6.19 11.90
C ARG A 93 -15.49 7.05 10.66
N VAL A 94 -14.98 6.62 9.51
CA VAL A 94 -15.16 7.33 8.25
C VAL A 94 -16.62 7.34 7.76
N GLY A 95 -17.34 6.27 8.07
CA GLY A 95 -18.75 6.14 7.68
C GLY A 95 -19.12 4.96 6.79
N TYR A 96 -18.32 3.89 6.82
CA TYR A 96 -18.61 2.67 6.05
C TYR A 96 -18.47 1.41 6.88
N GLU A 97 -19.18 0.38 6.44
CA GLU A 97 -18.98 -1.00 6.83
C GLU A 97 -18.38 -1.76 5.63
N PRO A 98 -17.70 -2.89 5.90
CA PRO A 98 -17.02 -3.61 4.81
C PRO A 98 -17.87 -3.90 3.60
N ASP A 99 -19.12 -4.30 3.81
CA ASP A 99 -19.97 -4.66 2.66
C ASP A 99 -20.43 -3.42 1.82
N ASP A 100 -20.12 -2.20 2.29
CA ASP A 100 -20.38 -0.98 1.52
C ASP A 100 -19.40 -0.79 0.37
N LEU A 101 -18.25 -1.42 0.45
CA LEU A 101 -17.18 -1.13 -0.51
C LEU A 101 -17.43 -1.81 -1.83
N LEU A 102 -17.12 -1.11 -2.90
CA LEU A 102 -17.21 -1.64 -4.25
C LEU A 102 -16.13 -2.65 -4.53
N TYR A 103 -14.89 -2.23 -4.28
CA TYR A 103 -13.74 -3.10 -4.42
C TYR A 103 -12.78 -2.80 -3.30
N ILE A 104 -11.94 -3.79 -3.03
CA ILE A 104 -10.67 -3.61 -2.32
C ILE A 104 -9.59 -3.75 -3.39
N ILE A 105 -8.59 -2.89 -3.37
CA ILE A 105 -7.41 -3.02 -4.20
C ILE A 105 -6.24 -3.31 -3.29
N SER A 106 -5.60 -4.46 -3.48
CA SER A 106 -4.39 -4.78 -2.74
C SER A 106 -3.18 -4.40 -3.58
N SER A 107 -2.45 -3.37 -3.18
CA SER A 107 -1.20 -3.04 -3.90
C SER A 107 -0.28 -4.26 -3.96
N HIS A 108 -0.22 -4.96 -2.84
CA HIS A 108 0.49 -6.15 -2.64
C HIS A 108 0.05 -6.75 -1.31
N LEU A 109 0.57 -7.94 -0.98
CA LEU A 109 0.09 -8.69 0.18
C LEU A 109 1.05 -8.72 1.36
N HIS A 110 2.00 -7.77 1.39
CA HIS A 110 2.78 -7.55 2.59
C HIS A 110 1.89 -7.20 3.79
N TRP A 111 2.43 -7.48 4.97
CA TRP A 111 1.66 -7.58 6.21
C TRP A 111 0.92 -6.31 6.60
N ASP A 112 1.51 -5.17 6.25
CA ASP A 112 0.98 -3.86 6.59
C ASP A 112 0.13 -3.25 5.48
N HIS A 113 -0.07 -4.03 4.42
CA HIS A 113 -0.92 -3.65 3.29
C HIS A 113 -2.16 -4.54 3.10
N ALA A 114 -2.08 -5.79 3.59
CA ALA A 114 -3.16 -6.75 3.45
C ALA A 114 -3.56 -7.40 4.77
N GLY A 115 -3.05 -6.89 5.89
CA GLY A 115 -3.37 -7.46 7.17
C GLY A 115 -4.85 -7.43 7.53
N GLY A 116 -5.60 -6.45 6.98
CA GLY A 116 -7.04 -6.34 7.14
C GLY A 116 -7.92 -7.07 6.14
N ASN A 117 -7.32 -7.83 5.23
CA ASN A 117 -8.11 -8.37 4.11
C ASN A 117 -9.20 -9.33 4.59
N GLY A 118 -8.96 -10.07 5.67
CA GLY A 118 -9.98 -11.00 6.15
C GLY A 118 -11.30 -10.40 6.55
N ALA A 119 -11.31 -9.08 6.82
CA ALA A 119 -12.56 -8.39 7.17
C ALA A 119 -13.52 -8.29 6.00
N PHE A 120 -13.03 -8.46 4.77
CA PHE A 120 -13.83 -8.26 3.56
C PHE A 120 -14.08 -9.62 2.93
N THR A 121 -15.22 -10.22 3.26
CA THR A 121 -15.50 -11.59 2.82
C THR A 121 -16.43 -11.64 1.61
N ASN A 122 -17.03 -10.49 1.24
CA ASN A 122 -17.88 -10.39 0.04
C ASN A 122 -17.33 -9.51 -1.06
N THR A 123 -16.66 -8.44 -0.67
CA THR A 123 -16.16 -7.46 -1.62
C THR A 123 -15.03 -8.08 -2.44
N PRO A 124 -15.04 -7.89 -3.78
CA PRO A 124 -13.92 -8.42 -4.56
C PRO A 124 -12.63 -7.70 -4.18
N ILE A 125 -11.56 -8.48 -4.05
CA ILE A 125 -10.24 -8.01 -3.69
C ILE A 125 -9.39 -8.17 -4.93
N ILE A 126 -8.98 -7.03 -5.50
CA ILE A 126 -8.23 -7.02 -6.75
C ILE A 126 -6.74 -7.12 -6.43
N VAL A 127 -6.10 -8.19 -6.92
CA VAL A 127 -4.75 -8.47 -6.58
C VAL A 127 -4.05 -9.14 -7.79
N GLN A 128 -2.77 -8.85 -7.99
CA GLN A 128 -2.01 -9.45 -9.11
C GLN A 128 -1.80 -10.94 -8.90
N ARG A 129 -1.95 -11.69 -9.98
CA ARG A 129 -1.71 -13.13 -9.93
C ARG A 129 -0.31 -13.48 -9.39
N THR A 130 0.70 -12.75 -9.82
CA THR A 130 2.07 -13.02 -9.36
C THR A 130 2.23 -12.75 -7.87
N GLU A 131 1.44 -11.80 -7.34
CA GLU A 131 1.48 -11.53 -5.92
C GLU A 131 0.79 -12.62 -5.11
N TYR A 132 -0.40 -13.00 -5.58
CA TYR A 132 -1.19 -14.04 -4.95
C TYR A 132 -0.34 -15.33 -4.90
N GLU A 133 0.28 -15.68 -6.02
CA GLU A 133 1.10 -16.90 -6.09
C GLU A 133 2.29 -16.85 -5.14
N ALA A 134 2.95 -15.71 -5.07
CA ALA A 134 4.07 -15.51 -4.15
C ALA A 134 3.64 -15.72 -2.71
N ALA A 135 2.50 -15.14 -2.37
CA ALA A 135 2.00 -15.17 -1.00
C ALA A 135 1.68 -16.57 -0.50
N LEU A 136 1.40 -17.46 -1.42
CA LEU A 136 1.12 -18.83 -1.07
C LEU A 136 2.34 -19.59 -0.55
N HIS A 137 3.55 -19.13 -0.87
CA HIS A 137 4.74 -19.87 -0.42
C HIS A 137 5.92 -19.10 0.19
N ARG A 138 6.03 -17.81 -0.07
CA ARG A 138 7.21 -17.08 0.38
C ARG A 138 7.11 -16.73 1.86
N GLU A 139 8.26 -16.73 2.54
CA GLU A 139 8.28 -16.59 4.00
C GLU A 139 7.89 -15.21 4.52
N GLU A 140 8.01 -14.19 3.69
CA GLU A 140 7.68 -12.83 4.12
C GLU A 140 6.17 -12.53 4.14
N TYR A 141 5.34 -13.54 3.85
CA TYR A 141 3.88 -13.39 3.88
C TYR A 141 3.24 -14.04 5.09
N MET A 142 2.43 -13.25 5.79
CA MET A 142 1.70 -13.73 6.95
C MET A 142 0.43 -14.41 6.49
N LYS A 143 -0.02 -15.42 7.24
CA LYS A 143 -1.24 -16.16 6.91
C LYS A 143 -2.47 -15.26 6.74
N GLU A 144 -2.49 -14.19 7.53
CA GLU A 144 -3.60 -13.26 7.57
C GLU A 144 -3.75 -12.52 6.24
N CYS A 145 -2.69 -12.51 5.44
CA CYS A 145 -2.69 -11.76 4.19
C CYS A 145 -2.99 -12.59 2.97
N ILE A 146 -3.24 -13.89 3.14
CA ILE A 146 -3.49 -14.77 2.04
C ILE A 146 -4.58 -15.80 2.40
N LEU A 147 -5.63 -15.33 3.04
CA LEU A 147 -6.71 -16.21 3.49
C LEU A 147 -7.39 -16.83 2.29
N PRO A 148 -7.72 -18.11 2.39
CA PRO A 148 -8.05 -18.86 1.16
C PRO A 148 -9.41 -18.59 0.50
N HIS A 149 -10.40 -18.15 1.26
CA HIS A 149 -11.78 -18.15 0.81
C HIS A 149 -12.38 -16.78 0.58
N LEU A 150 -11.50 -15.77 0.55
CA LEU A 150 -11.96 -14.42 0.21
C LEU A 150 -12.34 -14.35 -1.27
N ASN A 151 -13.08 -13.32 -1.65
CA ASN A 151 -13.51 -13.14 -3.05
C ASN A 151 -12.43 -12.40 -3.87
N TYR A 152 -11.36 -13.11 -4.19
CA TYR A 152 -10.29 -12.54 -4.98
C TYR A 152 -10.69 -12.33 -6.44
N LYS A 153 -10.34 -11.15 -6.94
CA LYS A 153 -10.42 -10.83 -8.36
C LYS A 153 -9.00 -10.75 -8.85
N ILE A 154 -8.51 -11.86 -9.39
CA ILE A 154 -7.12 -11.98 -9.75
C ILE A 154 -6.92 -11.34 -11.11
N ILE A 155 -5.96 -10.42 -11.20
CA ILE A 155 -5.66 -9.76 -12.46
C ILE A 155 -4.22 -9.98 -12.83
N GLU A 156 -3.89 -9.70 -14.09
CA GLU A 156 -2.55 -9.86 -14.60
C GLU A 156 -2.12 -8.64 -15.42
N GLY A 157 -1.25 -7.85 -14.85
CA GLY A 157 -0.73 -6.70 -15.54
C GLY A 157 -1.52 -5.42 -15.24
N ASP A 158 -1.48 -4.48 -16.16
CA ASP A 158 -2.21 -3.22 -15.98
C ASP A 158 -3.71 -3.48 -16.04
N TYR A 159 -4.52 -2.62 -15.42
CA TYR A 159 -5.94 -2.87 -15.28
C TYR A 159 -6.67 -1.60 -14.94
N GLU A 160 -7.81 -1.37 -15.57
CA GLU A 160 -8.67 -0.25 -15.24
C GLU A 160 -9.78 -0.76 -14.32
N VAL A 161 -9.83 -0.24 -13.11
CA VAL A 161 -10.80 -0.71 -12.13
C VAL A 161 -12.16 -0.10 -12.42
N VAL A 162 -12.19 1.23 -12.46
CA VAL A 162 -13.34 2.02 -12.92
C VAL A 162 -12.71 3.23 -13.61
N PRO A 163 -13.50 4.00 -14.36
CA PRO A 163 -12.87 5.16 -14.97
C PRO A 163 -12.23 6.11 -13.93
N GLY A 164 -11.00 6.50 -14.22
CA GLY A 164 -10.22 7.33 -13.32
C GLY A 164 -9.37 6.55 -12.35
N VAL A 165 -9.45 5.21 -12.36
CA VAL A 165 -8.67 4.37 -11.45
C VAL A 165 -7.91 3.28 -12.22
N GLN A 166 -6.64 3.53 -12.47
CA GLN A 166 -5.78 2.65 -13.23
C GLN A 166 -4.77 1.99 -12.32
N LEU A 167 -4.60 0.69 -12.47
CA LEU A 167 -3.52 -0.03 -11.82
C LEU A 167 -2.37 -0.23 -12.80
N LEU A 168 -1.18 0.04 -12.31
CA LEU A 168 0.06 -0.09 -13.06
C LEU A 168 0.89 -1.18 -12.41
N TYR A 169 1.19 -2.21 -13.19
CA TYR A 169 1.98 -3.32 -12.70
C TYR A 169 3.45 -2.85 -12.46
N THR A 170 3.90 -2.99 -11.21
CA THR A 170 5.17 -2.45 -10.77
C THR A 170 5.88 -3.45 -9.87
N PRO A 171 6.16 -4.65 -10.41
CA PRO A 171 6.79 -5.71 -9.62
C PRO A 171 8.27 -5.37 -9.26
N GLY A 172 8.79 -6.04 -8.25
CA GLY A 172 10.19 -5.91 -7.83
C GLY A 172 10.26 -5.82 -6.32
N HIS A 173 9.60 -4.82 -5.75
CA HIS A 173 9.55 -4.73 -4.32
C HIS A 173 8.91 -6.01 -3.75
N SER A 174 7.82 -6.45 -4.42
CA SER A 174 7.24 -7.76 -4.22
C SER A 174 6.94 -8.34 -5.59
N PRO A 175 6.69 -9.66 -5.66
CA PRO A 175 6.62 -10.27 -7.00
C PRO A 175 5.48 -9.76 -7.88
N GLY A 176 4.40 -9.27 -7.28
CA GLY A 176 3.29 -8.74 -8.01
C GLY A 176 2.80 -7.40 -7.56
N HIS A 177 3.72 -6.54 -7.13
CA HIS A 177 3.36 -5.24 -6.64
C HIS A 177 2.69 -4.43 -7.77
N GLN A 178 1.69 -3.64 -7.41
CA GLN A 178 1.06 -2.71 -8.33
C GLN A 178 0.85 -1.35 -7.68
N SER A 179 1.01 -0.32 -8.49
CA SER A 179 0.84 1.08 -8.13
C SER A 179 -0.47 1.59 -8.72
N LEU A 180 -0.88 2.80 -8.37
CA LEU A 180 -2.12 3.37 -8.84
C LEU A 180 -1.96 4.71 -9.51
N PHE A 181 -2.64 4.87 -10.63
CA PHE A 181 -2.69 6.14 -11.33
C PHE A 181 -4.15 6.57 -11.35
N ILE A 182 -4.41 7.65 -10.64
CA ILE A 182 -5.74 8.12 -10.35
C ILE A 182 -5.97 9.49 -10.99
N GLU A 183 -7.15 9.67 -11.60
CA GLU A 183 -7.56 10.99 -12.07
C GLU A 183 -8.65 11.50 -11.13
N THR A 184 -8.37 12.59 -10.39
CA THR A 184 -9.35 13.14 -9.46
C THR A 184 -9.95 14.45 -9.97
N GLU A 185 -11.16 14.71 -9.51
CA GLU A 185 -11.86 15.93 -9.88
C GLU A 185 -11.08 17.18 -9.44
N GLN A 186 -10.50 17.15 -8.24
CA GLN A 186 -9.88 18.35 -7.67
C GLN A 186 -8.44 18.56 -8.12
N SER A 187 -7.74 17.48 -8.46
CA SER A 187 -6.28 17.54 -8.65
C SER A 187 -5.76 17.07 -9.99
N GLY A 188 -6.59 16.39 -10.76
CA GLY A 188 -6.14 15.74 -11.98
C GLY A 188 -5.34 14.49 -11.69
N SER A 189 -4.19 14.35 -12.33
CA SER A 189 -3.44 13.09 -12.31
C SER A 189 -2.65 12.93 -11.01
N VAL A 190 -2.82 11.77 -10.37
CA VAL A 190 -2.16 11.42 -9.12
C VAL A 190 -1.55 10.03 -9.27
N LEU A 191 -0.27 9.90 -8.92
CA LEU A 191 0.41 8.61 -8.89
C LEU A 191 0.67 8.24 -7.46
N LEU A 192 0.10 7.10 -7.04
CA LEU A 192 0.43 6.49 -5.73
C LEU A 192 1.38 5.38 -6.04
N THR A 193 2.66 5.58 -5.73
CA THR A 193 3.66 4.55 -6.01
C THR A 193 3.45 3.30 -5.17
N ILE A 194 2.84 3.51 -4.01
CA ILE A 194 2.88 2.52 -2.92
C ILE A 194 4.32 2.11 -2.70
N ASP A 195 4.61 0.83 -2.56
CA ASP A 195 5.95 0.39 -2.22
C ASP A 195 6.86 0.17 -3.46
N ALA A 196 6.44 0.66 -4.64
CA ALA A 196 7.40 0.75 -5.74
C ALA A 196 8.47 1.82 -5.42
N SER A 197 8.22 2.67 -4.41
CA SER A 197 9.26 3.54 -3.80
C SER A 197 8.77 3.94 -2.39
N TYR A 198 9.48 3.55 -1.32
CA TYR A 198 9.11 3.94 0.02
C TYR A 198 9.19 5.45 0.18
N THR A 199 10.21 6.06 -0.41
CA THR A 199 10.47 7.49 -0.25
C THR A 199 10.73 8.18 -1.57
N LYS A 200 10.64 9.51 -1.52
CA LYS A 200 11.00 10.33 -2.67
C LYS A 200 12.38 9.99 -3.22
N GLU A 201 13.36 9.79 -2.33
CA GLU A 201 14.71 9.50 -2.82
C GLU A 201 14.83 8.11 -3.48
N ASN A 202 14.01 7.14 -3.06
CA ASN A 202 14.00 5.84 -3.75
C ASN A 202 13.60 6.04 -5.19
N PHE A 203 12.68 6.98 -5.42
CA PHE A 203 12.12 7.20 -6.75
C PHE A 203 13.01 8.10 -7.58
N GLU A 204 13.19 9.33 -7.12
CA GLU A 204 13.91 10.33 -7.88
C GLU A 204 15.38 9.97 -8.04
N ASP A 205 15.99 9.54 -6.94
CA ASP A 205 17.42 9.28 -6.89
C ASP A 205 17.78 7.81 -6.99
N GLU A 206 16.79 6.94 -7.14
CA GLU A 206 17.00 5.52 -7.29
C GLU A 206 17.86 4.93 -6.14
N VAL A 207 17.64 5.48 -4.94
CA VAL A 207 18.25 4.96 -3.73
C VAL A 207 17.65 3.58 -3.45
N PRO A 208 18.49 2.54 -3.36
CA PRO A 208 17.96 1.18 -3.14
C PRO A 208 17.24 1.06 -1.81
N PHE A 209 16.24 0.18 -1.79
CA PHE A 209 15.45 -0.08 -0.59
C PHE A 209 15.01 -1.55 -0.57
N ALA A 210 14.41 -1.97 0.52
CA ALA A 210 14.08 -3.37 0.67
C ALA A 210 13.16 -3.84 -0.44
N GLY A 211 13.48 -5.01 -0.98
CA GLY A 211 12.68 -5.60 -2.02
C GLY A 211 13.06 -7.03 -2.39
N PHE A 212 12.07 -7.75 -2.90
CA PHE A 212 12.22 -9.10 -3.42
C PHE A 212 13.28 -9.21 -4.52
N ASP A 213 13.21 -8.29 -5.48
CA ASP A 213 14.10 -8.26 -6.65
C ASP A 213 14.39 -6.80 -6.95
N PRO A 214 15.46 -6.28 -6.33
CA PRO A 214 15.76 -4.87 -6.48
C PRO A 214 15.99 -4.42 -7.92
N GLU A 215 16.58 -5.28 -8.74
CA GLU A 215 16.80 -4.97 -10.15
C GLU A 215 15.46 -4.73 -10.84
N LEU A 216 14.54 -5.65 -10.64
CA LEU A 216 13.19 -5.53 -11.17
C LEU A 216 12.48 -4.26 -10.63
N ALA A 217 12.67 -3.99 -9.34
CA ALA A 217 12.10 -2.80 -8.75
C ALA A 217 12.61 -1.56 -9.44
N LEU A 218 13.90 -1.53 -9.75
CA LEU A 218 14.43 -0.37 -10.46
C LEU A 218 13.77 -0.24 -11.85
N SER A 219 13.61 -1.36 -12.55
CA SER A 219 12.92 -1.32 -13.84
C SER A 219 11.47 -0.79 -13.70
N SER A 220 10.78 -1.14 -12.60
CA SER A 220 9.44 -0.58 -12.39
C SER A 220 9.44 0.91 -12.10
N ILE A 221 10.46 1.41 -11.38
CA ILE A 221 10.64 2.83 -11.17
C ILE A 221 10.88 3.54 -12.49
N LYS A 222 11.71 2.93 -13.36
CA LYS A 222 11.94 3.50 -14.68
C LYS A 222 10.64 3.55 -15.49
N ARG A 223 9.82 2.51 -15.39
CA ARG A 223 8.56 2.53 -16.07
C ARG A 223 7.67 3.69 -15.55
N LEU A 224 7.57 3.84 -14.23
CA LEU A 224 6.82 4.92 -13.64
C LEU A 224 7.33 6.29 -14.06
N LYS A 225 8.64 6.43 -14.18
CA LYS A 225 9.21 7.71 -14.67
C LYS A 225 8.76 8.04 -16.09
N GLU A 226 8.60 7.02 -16.93
CA GLU A 226 8.04 7.24 -18.27
C GLU A 226 6.61 7.75 -18.18
N VAL A 227 5.82 7.15 -17.30
CA VAL A 227 4.45 7.62 -17.10
C VAL A 227 4.44 9.07 -16.57
N VAL A 228 5.33 9.35 -15.62
CA VAL A 228 5.42 10.70 -15.04
C VAL A 228 5.77 11.74 -16.11
N LYS A 229 6.72 11.43 -16.97
CA LYS A 229 7.13 12.34 -18.06
C LYS A 229 5.96 12.66 -18.99
N LYS A 230 5.13 11.65 -19.28
CA LYS A 230 3.94 11.81 -20.12
C LYS A 230 2.80 12.55 -19.44
N GLU A 231 2.54 12.24 -18.16
CA GLU A 231 1.31 12.70 -17.49
C GLU A 231 1.49 13.80 -16.45
N LYS A 232 2.73 14.01 -16.01
CA LYS A 232 3.07 15.03 -15.01
C LYS A 232 2.11 15.03 -13.79
N PRO A 233 1.93 13.86 -13.15
CA PRO A 233 1.09 13.77 -11.97
C PRO A 233 1.75 14.34 -10.72
N ILE A 234 0.94 14.54 -9.69
CA ILE A 234 1.51 14.68 -8.34
C ILE A 234 1.73 13.25 -7.82
N ILE A 235 2.84 13.05 -7.12
CA ILE A 235 3.33 11.71 -6.80
C ILE A 235 3.45 11.55 -5.29
N PHE A 236 2.89 10.45 -4.78
CA PHE A 236 2.95 10.11 -3.37
C PHE A 236 3.57 8.77 -3.16
N PHE A 237 4.51 8.72 -2.21
CA PHE A 237 5.31 7.54 -1.98
C PHE A 237 4.77 6.70 -0.83
N GLY A 238 5.32 5.51 -0.67
CA GLY A 238 4.69 4.49 0.21
C GLY A 238 4.81 4.68 1.71
N HIS A 239 6.00 5.09 2.15
CA HIS A 239 6.31 5.24 3.60
C HIS A 239 7.32 6.36 3.77
N ASP A 240 6.88 7.59 3.52
CA ASP A 240 7.82 8.73 3.45
C ASP A 240 7.47 9.72 4.57
N ILE A 241 8.34 9.74 5.59
CA ILE A 241 8.14 10.57 6.79
C ILE A 241 8.17 12.05 6.43
N GLU A 242 9.01 12.41 5.47
CA GLU A 242 9.13 13.81 5.09
C GLU A 242 7.87 14.24 4.34
N GLN A 243 7.46 13.46 3.34
CA GLN A 243 6.25 13.79 2.60
C GLN A 243 4.98 13.82 3.49
N GLU A 244 4.94 12.92 4.47
CA GLU A 244 3.80 12.86 5.37
C GLU A 244 3.54 14.20 6.04
N LYS A 245 4.59 14.99 6.25
CA LYS A 245 4.46 16.28 6.92
C LYS A 245 3.60 17.26 6.12
N SER A 246 3.52 17.07 4.80
CA SER A 246 2.75 17.99 3.95
C SER A 246 1.52 17.39 3.25
N CYS A 247 1.28 16.09 3.46
CA CYS A 247 0.12 15.38 2.89
C CYS A 247 -1.17 15.90 3.49
N ARG A 248 -2.15 16.20 2.64
CA ARG A 248 -3.53 16.37 3.08
C ARG A 248 -4.04 14.99 3.45
N VAL A 249 -4.58 14.86 4.66
CA VAL A 249 -5.12 13.61 5.18
C VAL A 249 -6.57 13.80 5.55
N PHE A 250 -7.28 12.68 5.58
CA PHE A 250 -8.68 12.66 5.99
C PHE A 250 -8.85 13.56 7.22
N PRO A 251 -9.88 14.45 7.21
CA PRO A 251 -11.00 14.56 6.26
C PRO A 251 -10.73 15.40 5.02
N GLU A 252 -9.52 15.91 4.86
CA GLU A 252 -9.14 16.57 3.61
C GLU A 252 -8.92 15.47 2.58
N TYR A 253 -9.09 15.87 1.31
CA TYR A 253 -8.92 15.00 0.15
C TYR A 253 -8.28 15.71 -1.01
N ILE A 254 -7.84 14.95 -1.98
CA ILE A 254 -7.29 15.51 -3.19
C ILE A 254 -8.04 15.01 -4.41
#